data_1QSS
#
_entry.id   1QSS
#
_cell.length_a   108.557
_cell.length_b   108.557
_cell.length_c   90.527
_cell.angle_alpha   90.00
_cell.angle_beta   90.00
_cell.angle_gamma   120.00
#
_symmetry.space_group_name_H-M   'P 31 2 1'
#
loop_
_entity.id
_entity.type
_entity.pdbx_description
1 polymer "5'-D(*GP*AP*CP*CP*AP*CP*GP*GP*CP*GP*CP*(DDG))-3'"
2 polymer "5'-D(*AP*CP*CP*GP*CP*GP*CP*CP*GP*TP*GP*GP*TP*C)-3'"
3 polymer 'DNA POLYMERASE I'
4 non-polymer 'MAGNESIUM ION'
5 non-polymer "2'-3'-DIDEOXYGUANOSINE-5'-TRIPHOSPHATE"
6 water water
#
loop_
_entity_poly.entity_id
_entity_poly.type
_entity_poly.pdbx_seq_one_letter_code
_entity_poly.pdbx_strand_id
1 'polydeoxyribonucleotide' (DG)(DA)(DC)(DC)(DA)(DC)(DG)(DG)(DC)(DG)(DC)(DDG) B
2 'polydeoxyribonucleotide' (DA)(DC)(DC)(DG)(DC)(DG)(DC)(DC)(DG)(DT)(DG)(DG)(DT)(DC) C
3 'polypeptide(L)'
;ALEEAPWPPPEGAFVGFVLSRKEPMWADLLALAAARGGRVHRAPEPYKALRDLKEERGLLAKDLSVLALREGLGLPPGDD
PMLLAYLLDPSNTTPEGVARRYGGEWTEEAGERAALSERLFANLWGRLEGEERLLWLYREVERPLSAVLAHMEATGVRLD
VAYLRALSLEVAEEIARLEAEVFRLAGHPFNLNSRDQLERVLFDELGLPAIGKTEKTGKRSTSAAVLEALREAHPIVEKI
LQYRELTKLKSTYIDPLPDLIHPRTGRLHTRFNQTATATGRLSSSDPNLQNIPVRTPLGQRIRRAFIAEEGWLLVALDYS
QIELRVLAHLSGDENLIRVFQEGRDIHTETASWMFGVPREAVDPLMRRAAKTINFGVLYGMSAHRLSQELAIPYEEAQAF
IERYFQSFPKVRAWIEKTLEEGRRRGYVETLFGRRRYVPDLEARVKSVREAAERMAFNMPVQGTAADLMKLAMVKLFPRL
EEMGARMLLQVHDELVLEAPKERAEAVARLAKEVMEGVYPLAVPLEVEVGIGEDWLSAK
;
A
#
loop_
_chem_comp.id
_chem_comp.type
_chem_comp.name
_chem_comp.formula
DA DNA linking 2'-DEOXYADENOSINE-5'-MONOPHOSPHATE 'C10 H14 N5 O6 P'
DC DNA linking 2'-DEOXYCYTIDINE-5'-MONOPHOSPHATE 'C9 H14 N3 O7 P'
DDG DNA linking 2',3'-DIDEOXY-GUANOSINE-5'-MONOPHOSPHATE 'C10 H14 N5 O6 P'
DG DNA linking 2'-DEOXYGUANOSINE-5'-MONOPHOSPHATE 'C10 H14 N5 O7 P'
DG3 non-polymer 2'-3'-DIDEOXYGUANOSINE-5'-TRIPHOSPHATE 'C10 H16 N5 O12 P3'
DT DNA linking THYMIDINE-5'-MONOPHOSPHATE 'C10 H15 N2 O8 P'
MG non-polymer 'MAGNESIUM ION' 'Mg 2'
#
# COMPACT_ATOMS: atom_id res chain seq x y z
P DDG A 12 3.50 -9.33 2.60
OP1 DDG A 12 3.38 -9.55 4.06
OP2 DDG A 12 3.69 -10.50 1.70
O5' DDG A 12 2.21 -8.53 2.08
C5' DDG A 12 1.83 -7.32 2.72
C4' DDG A 12 0.56 -6.78 2.14
O4' DDG A 12 0.82 -6.12 0.86
C3' DDG A 12 -0.52 -7.80 1.83
C2' DDG A 12 -1.35 -7.08 0.77
C1' DDG A 12 -0.27 -6.34 -0.01
N9 DDG A 12 0.20 -7.13 -1.15
C8 DDG A 12 1.23 -8.03 -1.18
N7 DDG A 12 1.37 -8.60 -2.35
C5 DDG A 12 0.40 -8.03 -3.14
C6 DDG A 12 0.08 -8.23 -4.51
O6 DDG A 12 0.61 -8.98 -5.32
N1 DDG A 12 -1.00 -7.44 -4.90
C2 DDG A 12 -1.68 -6.56 -4.09
N2 DDG A 12 -2.69 -5.87 -4.65
N3 DDG A 12 -1.39 -6.35 -2.82
C4 DDG A 12 -0.34 -7.11 -2.41
N ALA C 1 -9.29 41.06 -5.97
CA ALA C 1 -10.38 40.56 -5.08
C ALA C 1 -9.82 39.97 -3.78
N LEU C 2 -8.51 39.76 -3.76
CA LEU C 2 -7.84 39.17 -2.59
C LEU C 2 -7.00 40.23 -1.88
N GLU C 3 -7.33 40.52 -0.61
CA GLU C 3 -6.58 41.51 0.16
C GLU C 3 -5.57 40.86 1.12
N GLU C 4 -4.53 41.61 1.48
CA GLU C 4 -3.47 41.12 2.35
C GLU C 4 -3.50 41.66 3.78
N ALA C 5 -3.99 40.84 4.71
CA ALA C 5 -4.09 41.20 6.12
C ALA C 5 -2.92 40.66 6.95
N PRO C 6 -2.70 41.23 8.15
CA PRO C 6 -1.63 40.88 9.11
C PRO C 6 -1.77 39.44 9.59
N TRP C 7 -0.64 38.76 9.78
CA TRP C 7 -0.65 37.35 10.15
C TRP C 7 -1.85 36.75 10.83
N PRO C 8 -2.16 37.18 12.07
CA PRO C 8 -3.32 36.58 12.74
C PRO C 8 -4.59 36.39 11.89
N PRO C 9 -4.82 35.15 11.39
CA PRO C 9 -5.98 34.80 10.56
C PRO C 9 -7.14 34.49 11.50
N PRO C 10 -8.39 34.66 11.05
CA PRO C 10 -9.50 34.37 11.95
C PRO C 10 -9.48 32.95 12.48
N GLU C 11 -10.51 32.18 12.16
CA GLU C 11 -10.61 30.78 12.57
C GLU C 11 -11.37 30.09 11.47
N GLY C 12 -10.94 28.88 11.11
CA GLY C 12 -11.60 28.16 10.04
C GLY C 12 -11.03 28.60 8.70
N ALA C 13 -9.91 29.32 8.76
CA ALA C 13 -9.23 29.80 7.57
C ALA C 13 -8.46 28.65 6.94
N PHE C 14 -8.22 28.73 5.64
CA PHE C 14 -7.48 27.67 4.97
C PHE C 14 -6.00 28.00 4.99
N VAL C 15 -5.19 27.01 5.36
CA VAL C 15 -3.75 27.17 5.45
C VAL C 15 -3.07 26.95 4.11
N GLY C 16 -1.90 27.56 3.95
CA GLY C 16 -1.09 27.42 2.74
C GLY C 16 0.33 27.38 3.27
N PHE C 17 1.14 26.39 2.89
CA PHE C 17 2.51 26.33 3.40
C PHE C 17 3.56 25.82 2.39
N VAL C 18 4.83 26.15 2.64
CA VAL C 18 5.91 25.71 1.75
C VAL C 18 7.03 25.02 2.53
N LEU C 19 7.36 23.81 2.08
CA LEU C 19 8.40 23.00 2.70
C LEU C 19 9.69 23.00 1.89
N SER C 20 10.80 22.75 2.57
CA SER C 20 12.11 22.70 1.94
C SER C 20 12.16 21.46 1.06
N ARG C 21 11.44 20.43 1.50
CA ARG C 21 11.34 19.15 0.80
C ARG C 21 9.97 18.52 1.08
N LYS C 22 9.61 17.52 0.30
CA LYS C 22 8.32 16.88 0.47
C LYS C 22 8.12 16.05 1.74
N GLU C 23 9.18 15.55 2.38
CA GLU C 23 8.99 14.76 3.60
C GLU C 23 8.69 15.64 4.81
N PRO C 24 7.45 15.56 5.33
CA PRO C 24 7.06 16.36 6.48
C PRO C 24 8.02 16.26 7.68
N MET C 25 8.44 15.05 8.01
CA MET C 25 9.36 14.85 9.14
C MET C 25 10.75 15.44 8.97
N TRP C 26 11.15 15.72 7.74
CA TRP C 26 12.48 16.27 7.52
C TRP C 26 12.45 17.71 7.00
N ALA C 27 11.29 18.14 6.53
CA ALA C 27 11.16 19.48 5.97
C ALA C 27 11.44 20.67 6.87
N ASP C 28 11.71 21.80 6.23
CA ASP C 28 11.95 23.05 6.90
C ASP C 28 10.74 23.86 6.50
N LEU C 29 10.03 24.42 7.49
CA LEU C 29 8.85 25.22 7.21
C LEU C 29 9.31 26.57 6.67
N LEU C 30 9.37 26.67 5.34
CA LEU C 30 9.81 27.89 4.67
C LEU C 30 8.81 29.05 4.66
N ALA C 31 7.52 28.73 4.75
CA ALA C 31 6.48 29.75 4.71
C ALA C 31 5.12 29.18 5.13
N LEU C 32 4.33 30.02 5.80
CA LEU C 32 3.00 29.63 6.28
C LEU C 32 2.08 30.83 6.10
N ALA C 33 0.91 30.59 5.50
CA ALA C 33 -0.05 31.65 5.30
C ALA C 33 -1.45 31.09 5.54
N ALA C 34 -2.46 31.91 5.30
CA ALA C 34 -3.83 31.50 5.51
C ALA C 34 -4.74 32.37 4.69
N ALA C 35 -5.85 31.79 4.23
CA ALA C 35 -6.83 32.51 3.42
C ALA C 35 -8.21 32.29 4.01
N ARG C 36 -8.97 33.37 4.16
CA ARG C 36 -10.31 33.29 4.73
C ARG C 36 -11.03 34.59 4.40
N GLY C 37 -12.32 34.46 4.10
CA GLY C 37 -13.10 35.62 3.74
C GLY C 37 -12.74 35.96 2.31
N GLY C 38 -11.94 37.02 2.15
CA GLY C 38 -11.49 37.46 0.84
C GLY C 38 -10.13 38.07 1.09
N ARG C 39 -9.58 37.73 2.24
CA ARG C 39 -8.28 38.22 2.67
C ARG C 39 -7.33 37.04 2.85
N VAL C 40 -6.02 37.33 2.79
CA VAL C 40 -4.99 36.34 2.95
C VAL C 40 -4.00 36.84 3.98
N HIS C 41 -3.57 35.96 4.89
CA HIS C 41 -2.64 36.36 5.94
C HIS C 41 -1.31 35.63 5.83
N ARG C 42 -0.22 36.37 5.86
CA ARG C 42 1.08 35.75 5.77
C ARG C 42 1.78 35.93 7.12
N ALA C 43 2.24 34.83 7.69
CA ALA C 43 2.92 34.86 8.98
C ALA C 43 4.40 35.08 8.75
N PRO C 44 4.96 36.16 9.33
CA PRO C 44 6.39 36.49 9.18
C PRO C 44 7.32 35.40 9.70
N GLU C 45 6.85 34.69 10.73
CA GLU C 45 7.59 33.60 11.36
C GLU C 45 6.73 32.33 11.38
N PRO C 46 6.87 31.46 10.37
CA PRO C 46 6.11 30.21 10.23
C PRO C 46 6.12 29.30 11.45
N TYR C 47 7.31 28.98 11.94
CA TYR C 47 7.42 28.12 13.10
C TYR C 47 6.68 28.76 14.28
N LYS C 48 6.77 30.07 14.38
CA LYS C 48 6.09 30.79 15.44
C LYS C 48 4.59 30.74 15.17
N ALA C 49 4.26 30.98 13.90
CA ALA C 49 2.87 30.98 13.45
C ALA C 49 2.12 29.66 13.65
N LEU C 50 2.82 28.53 13.61
CA LEU C 50 2.13 27.25 13.80
C LEU C 50 1.33 27.23 15.08
N ARG C 51 1.97 27.68 16.16
CA ARG C 51 1.33 27.72 17.48
C ARG C 51 -0.02 28.40 17.46
N ASP C 52 -0.16 29.38 16.59
CA ASP C 52 -1.40 30.11 16.47
C ASP C 52 -2.58 29.27 15.97
N LEU C 53 -2.33 28.44 14.97
CA LEU C 53 -3.37 27.62 14.36
C LEU C 53 -3.98 26.62 15.32
N LYS C 54 -5.27 26.37 15.17
CA LYS C 54 -5.96 25.40 16.02
C LYS C 54 -6.26 24.15 15.18
N GLU C 55 -6.19 24.30 13.87
CA GLU C 55 -6.48 23.20 12.95
C GLU C 55 -5.85 23.44 11.58
N GLU C 56 -5.54 22.36 10.86
CA GLU C 56 -4.96 22.49 9.53
C GLU C 56 -6.04 22.16 8.47
N ARG C 57 -6.49 23.20 7.76
CA ARG C 57 -7.50 23.06 6.71
C ARG C 57 -6.94 23.48 5.35
N GLY C 58 -6.93 22.57 4.38
CA GLY C 58 -6.42 22.91 3.05
C GLY C 58 -5.60 21.84 2.36
N LEU C 59 -5.06 22.17 1.18
CA LEU C 59 -4.23 21.22 0.45
C LEU C 59 -3.15 20.61 1.34
N LEU C 60 -3.14 19.28 1.39
CA LEU C 60 -2.16 18.50 2.15
C LEU C 60 -2.09 18.82 3.65
N ALA C 61 -3.25 18.98 4.26
CA ALA C 61 -3.36 19.28 5.67
C ALA C 61 -2.57 18.30 6.54
N LYS C 62 -2.64 17.02 6.21
CA LYS C 62 -1.93 16.00 6.98
C LYS C 62 -0.43 16.27 7.13
N ASP C 63 0.24 16.50 6.01
CA ASP C 63 1.67 16.74 6.03
C ASP C 63 2.09 17.85 6.99
N LEU C 64 1.40 18.98 6.96
CA LEU C 64 1.71 20.08 7.87
C LEU C 64 1.43 19.66 9.31
N SER C 65 0.39 18.87 9.50
CA SER C 65 0.02 18.36 10.81
C SER C 65 1.13 17.43 11.31
N VAL C 66 1.73 16.66 10.40
CA VAL C 66 2.81 15.78 10.77
C VAL C 66 4.00 16.62 11.24
N LEU C 67 4.28 17.72 10.53
CA LEU C 67 5.39 18.60 10.90
C LEU C 67 5.07 19.28 12.23
N ALA C 68 3.83 19.67 12.42
CA ALA C 68 3.45 20.29 13.67
C ALA C 68 3.70 19.32 14.83
N LEU C 69 3.32 18.06 14.63
CA LEU C 69 3.51 17.06 15.68
C LEU C 69 4.99 16.92 15.99
N ARG C 70 5.81 16.97 14.95
CA ARG C 70 7.26 16.84 15.09
C ARG C 70 7.83 18.00 15.92
N GLU C 71 7.10 19.10 15.98
CA GLU C 71 7.58 20.25 16.70
C GLU C 71 6.97 20.34 18.10
N GLY C 72 6.23 19.30 18.50
CA GLY C 72 5.63 19.27 19.82
C GLY C 72 4.21 19.81 19.90
N LEU C 73 3.70 20.27 18.78
CA LEU C 73 2.37 20.82 18.75
C LEU C 73 1.35 19.72 18.66
N GLY C 74 0.10 20.08 18.46
CA GLY C 74 -0.93 19.08 18.36
C GLY C 74 -1.96 19.57 17.38
N LEU C 75 -1.48 20.24 16.34
CA LEU C 75 -2.35 20.77 15.30
C LEU C 75 -2.89 19.59 14.50
N PRO C 76 -4.18 19.25 14.67
CA PRO C 76 -4.76 18.14 13.92
C PRO C 76 -5.24 18.60 12.54
N PRO C 77 -5.20 17.72 11.53
CA PRO C 77 -5.62 17.97 10.14
C PRO C 77 -7.13 17.96 9.96
N GLY C 78 -7.65 18.95 9.24
CA GLY C 78 -9.09 19.04 9.01
C GLY C 78 -9.47 18.86 7.55
N ASP C 79 -10.26 19.78 7.01
CA ASP C 79 -10.64 19.67 5.60
C ASP C 79 -9.46 19.73 4.67
N ASP C 80 -9.57 18.99 3.57
CA ASP C 80 -8.50 18.97 2.57
C ASP C 80 -9.14 18.65 1.22
N PRO C 81 -9.22 19.64 0.34
CA PRO C 81 -9.82 19.42 -0.98
C PRO C 81 -9.24 18.23 -1.79
N MET C 82 -8.01 17.81 -1.50
CA MET C 82 -7.41 16.67 -2.19
C MET C 82 -8.25 15.42 -1.92
N LEU C 83 -8.73 15.34 -0.69
CA LEU C 83 -9.53 14.22 -0.23
C LEU C 83 -10.88 14.22 -0.91
N LEU C 84 -11.39 15.41 -1.20
CA LEU C 84 -12.68 15.51 -1.86
C LEU C 84 -12.55 15.14 -3.35
N ALA C 85 -11.48 15.62 -3.98
CA ALA C 85 -11.26 15.32 -5.40
C ALA C 85 -11.03 13.81 -5.57
N TYR C 86 -10.17 13.26 -4.72
CA TYR C 86 -9.83 11.84 -4.73
C TYR C 86 -11.09 10.98 -4.62
N LEU C 87 -12.05 11.42 -3.80
CA LEU C 87 -13.30 10.70 -3.67
C LEU C 87 -14.15 10.87 -4.94
N LEU C 88 -13.99 12.00 -5.63
CA LEU C 88 -14.71 12.25 -6.88
C LEU C 88 -14.16 11.41 -8.04
N ASP C 89 -12.85 11.21 -8.03
CA ASP C 89 -12.15 10.48 -9.07
C ASP C 89 -10.79 10.15 -8.47
N PRO C 90 -10.53 8.87 -8.18
CA PRO C 90 -9.24 8.53 -7.58
C PRO C 90 -8.05 8.80 -8.49
N SER C 91 -8.31 9.34 -9.67
CA SER C 91 -7.24 9.67 -10.59
C SER C 91 -6.78 11.07 -10.22
N ASN C 92 -7.50 11.69 -9.28
CA ASN C 92 -7.13 13.01 -8.78
C ASN C 92 -6.15 12.68 -7.68
N THR C 93 -4.85 12.69 -7.99
CA THR C 93 -3.85 12.32 -6.99
C THR C 93 -2.79 13.35 -6.60
N THR C 94 -2.64 14.43 -7.35
CA THR C 94 -1.62 15.41 -6.98
C THR C 94 -2.24 16.81 -6.92
N PRO C 95 -1.68 17.69 -6.08
CA PRO C 95 -2.26 19.03 -6.01
C PRO C 95 -2.23 19.71 -7.38
N GLU C 96 -1.11 19.55 -8.10
CA GLU C 96 -0.96 20.16 -9.42
C GLU C 96 -2.15 19.88 -10.32
N GLY C 97 -2.56 18.62 -10.37
CA GLY C 97 -3.68 18.22 -11.20
C GLY C 97 -5.01 18.69 -10.66
N VAL C 98 -5.19 18.52 -9.35
CA VAL C 98 -6.44 18.93 -8.74
C VAL C 98 -6.60 20.43 -8.94
N ALA C 99 -5.48 21.15 -8.85
CA ALA C 99 -5.51 22.60 -9.03
C ALA C 99 -5.86 22.91 -10.48
N ARG C 100 -5.16 22.28 -11.41
CA ARG C 100 -5.46 22.55 -12.81
C ARG C 100 -6.89 22.18 -13.14
N ARG C 101 -7.39 21.06 -12.61
CA ARG C 101 -8.75 20.66 -12.94
C ARG C 101 -9.88 21.38 -12.22
N TYR C 102 -9.71 21.76 -10.97
CA TYR C 102 -10.82 22.37 -10.25
C TYR C 102 -10.77 23.87 -9.94
N GLY C 103 -9.85 24.61 -10.55
CA GLY C 103 -9.85 26.04 -10.31
C GLY C 103 -8.61 26.83 -9.97
N GLY C 104 -7.43 26.40 -10.39
CA GLY C 104 -6.26 27.19 -10.05
C GLY C 104 -4.92 26.65 -10.49
N GLU C 105 -3.89 27.23 -9.91
CA GLU C 105 -2.52 26.86 -10.22
C GLU C 105 -1.75 26.65 -8.93
N TRP C 106 -1.15 25.47 -8.78
CA TRP C 106 -0.36 25.13 -7.61
C TRP C 106 1.04 25.72 -7.81
N THR C 107 1.36 26.73 -7.00
CA THR C 107 2.66 27.39 -7.09
C THR C 107 3.61 27.06 -5.96
N GLU C 108 4.49 27.99 -5.63
CA GLU C 108 5.45 27.77 -4.55
C GLU C 108 5.33 28.79 -3.44
N GLU C 109 4.27 29.60 -3.44
CA GLU C 109 4.09 30.60 -2.41
C GLU C 109 2.87 30.25 -1.56
N ALA C 110 3.05 30.32 -0.24
CA ALA C 110 2.03 29.98 0.77
C ALA C 110 0.74 30.80 0.77
N GLY C 111 0.83 32.07 0.37
CA GLY C 111 -0.36 32.88 0.34
C GLY C 111 -1.24 32.32 -0.79
N GLU C 112 -0.65 32.17 -1.96
CA GLU C 112 -1.37 31.63 -3.12
C GLU C 112 -1.87 30.22 -2.78
N ARG C 113 -1.11 29.45 -2.00
CA ARG C 113 -1.55 28.11 -1.62
C ARG C 113 -2.72 28.17 -0.64
N ALA C 114 -2.75 29.19 0.20
CA ALA C 114 -3.86 29.33 1.16
C ALA C 114 -5.11 29.71 0.36
N ALA C 115 -4.94 30.63 -0.59
CA ALA C 115 -6.04 31.09 -1.43
C ALA C 115 -6.59 29.94 -2.26
N LEU C 116 -5.68 29.16 -2.83
CA LEU C 116 -6.04 28.01 -3.65
C LEU C 116 -6.87 27.00 -2.85
N SER C 117 -6.38 26.68 -1.65
CA SER C 117 -7.05 25.71 -0.78
C SER C 117 -8.53 26.06 -0.54
N GLU C 118 -8.78 27.34 -0.25
CA GLU C 118 -10.12 27.81 0.01
C GLU C 118 -11.08 27.66 -1.18
N ARG C 119 -10.69 28.22 -2.32
CA ARG C 119 -11.54 28.12 -3.48
C ARG C 119 -11.68 26.69 -3.95
N LEU C 120 -10.58 25.93 -3.95
CA LEU C 120 -10.67 24.55 -4.39
C LEU C 120 -11.73 23.82 -3.55
N PHE C 121 -11.67 24.01 -2.24
CA PHE C 121 -12.60 23.37 -1.32
C PHE C 121 -14.03 23.75 -1.69
N ALA C 122 -14.24 25.03 -1.93
CA ALA C 122 -15.56 25.53 -2.30
C ALA C 122 -16.07 24.85 -3.56
N ASN C 123 -15.25 24.77 -4.58
CA ASN C 123 -15.66 24.15 -5.83
C ASN C 123 -15.88 22.65 -5.67
N LEU C 124 -14.88 21.97 -5.15
CA LEU C 124 -15.00 20.54 -4.96
C LEU C 124 -16.15 20.17 -4.05
N TRP C 125 -16.34 20.96 -2.99
CA TRP C 125 -17.42 20.71 -2.05
C TRP C 125 -18.75 20.81 -2.77
N GLY C 126 -18.95 21.88 -3.51
CA GLY C 126 -20.19 22.01 -4.23
C GLY C 126 -20.46 20.80 -5.09
N ARG C 127 -19.46 20.30 -5.81
CA ARG C 127 -19.69 19.15 -6.66
C ARG C 127 -19.92 17.81 -5.96
N LEU C 128 -19.78 17.81 -4.62
CA LEU C 128 -20.04 16.62 -3.84
C LEU C 128 -21.47 16.71 -3.28
N GLU C 129 -22.14 17.81 -3.63
CA GLU C 129 -23.51 18.05 -3.21
C GLU C 129 -24.37 16.98 -3.84
N GLY C 130 -25.04 16.18 -3.02
CA GLY C 130 -25.88 15.14 -3.57
C GLY C 130 -25.21 13.79 -3.56
N GLU C 131 -23.90 13.76 -3.34
CA GLU C 131 -23.17 12.51 -3.30
C GLU C 131 -23.08 12.08 -1.84
N GLU C 132 -24.24 11.71 -1.28
CA GLU C 132 -24.32 11.32 0.12
C GLU C 132 -23.31 10.22 0.44
N ARG C 133 -23.18 9.26 -0.46
CA ARG C 133 -22.26 8.15 -0.25
C ARG C 133 -20.81 8.62 -0.22
N LEU C 134 -20.44 9.54 -1.11
CA LEU C 134 -19.07 10.05 -1.13
C LEU C 134 -18.85 10.99 0.04
N LEU C 135 -19.93 11.62 0.52
CA LEU C 135 -19.83 12.51 1.66
C LEU C 135 -19.66 11.65 2.91
N TRP C 136 -20.41 10.55 2.97
CA TRP C 136 -20.31 9.64 4.10
C TRP C 136 -18.86 9.17 4.21
N LEU C 137 -18.25 8.89 3.07
CA LEU C 137 -16.86 8.45 3.04
C LEU C 137 -15.93 9.58 3.41
N TYR C 138 -16.33 10.81 3.09
CA TYR C 138 -15.49 11.96 3.39
C TYR C 138 -15.38 12.24 4.87
N ARG C 139 -16.53 12.49 5.49
CA ARG C 139 -16.59 12.82 6.91
C ARG C 139 -16.40 11.67 7.87
N GLU C 140 -16.83 10.48 7.46
CA GLU C 140 -16.74 9.32 8.33
C GLU C 140 -15.43 8.54 8.20
N VAL C 141 -14.79 8.60 7.03
CA VAL C 141 -13.58 7.83 6.86
C VAL C 141 -12.30 8.61 6.57
N GLU C 142 -12.26 9.29 5.43
CA GLU C 142 -11.06 10.01 5.04
C GLU C 142 -10.58 11.15 5.94
N ARG C 143 -11.41 12.18 6.11
CA ARG C 143 -11.02 13.32 6.93
C ARG C 143 -10.52 12.82 8.29
N PRO C 144 -11.34 12.05 9.00
CA PRO C 144 -10.81 11.57 10.29
C PRO C 144 -9.53 10.74 10.11
N LEU C 145 -9.51 9.86 9.09
CA LEU C 145 -8.33 9.01 8.86
C LEU C 145 -7.04 9.82 8.74
N SER C 146 -7.10 10.99 8.11
CA SER C 146 -5.90 11.83 7.96
C SER C 146 -5.26 12.11 9.32
N ALA C 147 -6.10 12.30 10.33
CA ALA C 147 -5.58 12.56 11.68
C ALA C 147 -4.82 11.30 12.12
N VAL C 148 -5.44 10.14 11.97
CA VAL C 148 -4.79 8.89 12.31
C VAL C 148 -3.42 8.80 11.60
N LEU C 149 -3.42 9.02 10.29
CA LEU C 149 -2.17 8.95 9.52
C LEU C 149 -1.12 9.94 10.00
N ALA C 150 -1.54 11.16 10.34
CA ALA C 150 -0.58 12.16 10.81
C ALA C 150 0.13 11.67 12.06
N HIS C 151 -0.62 11.10 13.00
CA HIS C 151 0.02 10.62 14.22
C HIS C 151 0.95 9.47 13.91
N MET C 152 0.52 8.56 13.04
CA MET C 152 1.34 7.43 12.67
C MET C 152 2.68 7.91 12.09
N GLU C 153 2.63 8.86 11.16
CA GLU C 153 3.83 9.37 10.56
C GLU C 153 4.83 10.00 11.55
N ALA C 154 4.35 10.83 12.48
CA ALA C 154 5.25 11.49 13.43
C ALA C 154 5.76 10.53 14.51
N THR C 155 5.02 9.47 14.77
CA THR C 155 5.40 8.50 15.77
C THR C 155 6.54 7.62 15.25
N GLY C 156 6.38 7.10 14.04
CA GLY C 156 7.41 6.28 13.44
C GLY C 156 7.55 4.89 14.05
N VAL C 157 8.65 4.21 13.69
CA VAL C 157 8.92 2.87 14.17
C VAL C 157 10.43 2.75 14.41
N ARG C 158 10.81 2.02 15.45
CA ARG C 158 12.20 1.82 15.81
C ARG C 158 12.88 0.75 14.96
N LEU C 159 14.18 0.92 14.73
CA LEU C 159 14.91 -0.01 13.91
C LEU C 159 16.26 -0.38 14.50
N ASP C 160 16.68 -1.63 14.33
CA ASP C 160 17.97 -2.05 14.82
C ASP C 160 19.07 -1.77 13.79
N VAL C 161 19.61 -0.55 13.85
CA VAL C 161 20.65 -0.07 12.95
C VAL C 161 21.92 -0.92 12.94
N ALA C 162 22.51 -1.12 14.11
CA ALA C 162 23.72 -1.89 14.22
C ALA C 162 23.54 -3.28 13.63
N TYR C 163 22.31 -3.79 13.76
CA TYR C 163 21.97 -5.10 13.25
C TYR C 163 22.00 -5.14 11.74
N LEU C 164 21.44 -4.12 11.11
CA LEU C 164 21.42 -4.06 9.65
C LEU C 164 22.80 -3.72 9.10
N ARG C 165 23.58 -2.98 9.88
CA ARG C 165 24.91 -2.57 9.47
C ARG C 165 25.82 -3.76 9.30
N ALA C 166 25.71 -4.71 10.22
CA ALA C 166 26.55 -5.91 10.20
C ALA C 166 26.05 -6.91 9.19
N LEU C 167 24.75 -6.84 8.90
CA LEU C 167 24.14 -7.75 7.95
C LEU C 167 24.69 -7.40 6.56
N SER C 168 24.85 -6.10 6.34
CA SER C 168 25.34 -5.56 5.07
C SER C 168 26.70 -6.17 4.74
N LEU C 169 27.62 -6.08 5.69
CA LEU C 169 28.96 -6.60 5.50
C LEU C 169 28.92 -8.08 5.18
N GLU C 170 27.99 -8.79 5.79
CA GLU C 170 27.85 -10.23 5.55
C GLU C 170 27.36 -10.48 4.12
N VAL C 171 26.19 -9.95 3.80
CA VAL C 171 25.62 -10.16 2.47
C VAL C 171 26.54 -9.63 1.36
N ALA C 172 27.29 -8.59 1.65
CA ALA C 172 28.21 -8.06 0.67
C ALA C 172 29.12 -9.21 0.23
N GLU C 173 29.64 -9.95 1.21
CA GLU C 173 30.54 -11.07 0.94
C GLU C 173 29.90 -12.18 0.13
N GLU C 174 28.62 -12.42 0.36
CA GLU C 174 27.93 -13.44 -0.41
C GLU C 174 27.67 -12.96 -1.83
N ILE C 175 27.40 -11.67 -1.97
CA ILE C 175 27.16 -11.08 -3.28
C ILE C 175 28.44 -11.24 -4.06
N ALA C 176 29.56 -11.03 -3.37
CA ALA C 176 30.86 -11.17 -3.97
C ALA C 176 31.03 -12.59 -4.52
N ARG C 177 30.90 -13.62 -3.68
CA ARG C 177 31.05 -14.99 -4.17
C ARG C 177 30.14 -15.27 -5.35
N LEU C 178 28.96 -14.64 -5.38
CA LEU C 178 28.03 -14.87 -6.47
C LEU C 178 28.49 -14.26 -7.79
N GLU C 179 28.74 -12.96 -7.79
CA GLU C 179 29.16 -12.31 -9.03
C GLU C 179 30.44 -12.97 -9.50
N ALA C 180 31.34 -13.22 -8.56
CA ALA C 180 32.60 -13.87 -8.88
C ALA C 180 32.37 -15.15 -9.68
N GLU C 181 31.45 -16.01 -9.23
CA GLU C 181 31.17 -17.26 -9.96
C GLU C 181 30.42 -17.05 -11.27
N VAL C 182 29.50 -16.09 -11.29
CA VAL C 182 28.77 -15.81 -12.52
C VAL C 182 29.81 -15.46 -13.58
N PHE C 183 30.69 -14.52 -13.26
CA PHE C 183 31.74 -14.13 -14.19
C PHE C 183 32.58 -15.30 -14.69
N ARG C 184 32.88 -16.26 -13.81
CA ARG C 184 33.67 -17.41 -14.23
C ARG C 184 32.93 -18.23 -15.30
N LEU C 185 31.65 -18.46 -15.06
CA LEU C 185 30.81 -19.24 -15.97
C LEU C 185 30.57 -18.54 -17.28
N ALA C 186 30.64 -17.22 -17.25
CA ALA C 186 30.42 -16.42 -18.44
C ALA C 186 31.73 -16.35 -19.19
N GLY C 187 32.79 -16.73 -18.49
CA GLY C 187 34.12 -16.70 -19.06
C GLY C 187 34.63 -15.27 -19.07
N HIS C 188 33.93 -14.38 -18.37
CA HIS C 188 34.38 -12.98 -18.33
C HIS C 188 33.42 -12.07 -17.54
N PRO C 189 33.98 -11.02 -16.89
CA PRO C 189 33.20 -10.07 -16.10
C PRO C 189 32.39 -9.07 -16.93
N PHE C 190 31.35 -8.53 -16.30
CA PHE C 190 30.48 -7.53 -16.91
C PHE C 190 29.60 -6.99 -15.79
N ASN C 191 28.86 -5.90 -16.03
CA ASN C 191 27.99 -5.37 -14.98
C ASN C 191 26.76 -6.25 -14.82
N LEU C 192 26.76 -7.12 -13.82
CA LEU C 192 25.62 -7.99 -13.55
C LEU C 192 24.35 -7.20 -13.21
N ASN C 193 24.48 -5.94 -12.82
CA ASN C 193 23.31 -5.12 -12.50
C ASN C 193 22.64 -4.61 -13.76
N SER C 194 23.34 -4.72 -14.89
CA SER C 194 22.87 -4.28 -16.19
C SER C 194 22.06 -5.37 -16.92
N ARG C 195 20.75 -5.15 -17.03
CA ARG C 195 19.89 -6.10 -17.71
C ARG C 195 20.33 -6.30 -19.16
N ASP C 196 20.73 -5.22 -19.83
CA ASP C 196 21.17 -5.33 -21.23
C ASP C 196 22.42 -6.18 -21.38
N GLN C 197 23.41 -5.96 -20.52
CA GLN C 197 24.63 -6.75 -20.58
C GLN C 197 24.34 -8.21 -20.24
N LEU C 198 23.45 -8.44 -19.29
CA LEU C 198 23.14 -9.83 -18.96
C LEU C 198 22.43 -10.49 -20.15
N GLU C 199 21.58 -9.72 -20.84
CA GLU C 199 20.84 -10.25 -21.97
C GLU C 199 21.80 -10.86 -22.98
N ARG C 200 22.76 -10.04 -23.42
CA ARG C 200 23.75 -10.47 -24.41
C ARG C 200 24.50 -11.71 -23.97
N VAL C 201 24.89 -11.75 -22.70
CA VAL C 201 25.63 -12.90 -22.16
C VAL C 201 24.82 -14.20 -22.21
N LEU C 202 23.58 -14.15 -21.76
CA LEU C 202 22.75 -15.34 -21.73
C LEU C 202 22.25 -15.78 -23.10
N PHE C 203 21.72 -14.83 -23.86
CA PHE C 203 21.15 -15.18 -25.17
C PHE C 203 22.10 -15.20 -26.39
N ASP C 204 23.15 -14.37 -26.38
CA ASP C 204 24.11 -14.34 -27.48
C ASP C 204 25.36 -15.16 -27.21
N GLU C 205 26.06 -14.81 -26.15
CA GLU C 205 27.30 -15.50 -25.76
C GLU C 205 27.01 -16.93 -25.39
N LEU C 206 26.02 -17.13 -24.53
CA LEU C 206 25.63 -18.49 -24.21
C LEU C 206 24.51 -18.69 -25.23
N GLY C 207 24.01 -19.89 -25.41
CA GLY C 207 22.97 -20.02 -26.41
C GLY C 207 21.62 -20.34 -25.78
N LEU C 208 21.42 -19.89 -24.56
CA LEU C 208 20.15 -20.16 -23.87
C LEU C 208 19.00 -19.56 -24.66
N PRO C 209 17.92 -20.32 -24.84
CA PRO C 209 16.75 -19.84 -25.60
C PRO C 209 16.05 -18.68 -24.89
N ALA C 210 15.64 -17.67 -25.64
CA ALA C 210 14.93 -16.54 -25.06
C ALA C 210 13.50 -17.02 -24.80
N ILE C 211 12.88 -16.58 -23.72
CA ILE C 211 11.54 -17.02 -23.38
C ILE C 211 10.45 -15.96 -23.55
N GLY C 212 10.78 -14.72 -23.22
CA GLY C 212 9.82 -13.64 -23.37
C GLY C 212 10.52 -12.35 -23.74
N LYS C 213 9.74 -11.33 -24.05
CA LYS C 213 10.28 -10.02 -24.41
C LYS C 213 9.80 -8.97 -23.42
N THR C 214 10.49 -7.83 -23.40
CA THR C 214 10.12 -6.72 -22.53
C THR C 214 9.07 -5.88 -23.27
N GLU C 215 8.22 -5.19 -22.53
CA GLU C 215 7.12 -4.38 -23.06
C GLU C 215 7.33 -3.20 -24.00
N LYS C 216 8.02 -2.17 -23.52
CA LYS C 216 8.24 -0.97 -24.31
C LYS C 216 9.29 -1.06 -25.39
N THR C 217 10.37 -1.78 -25.11
CA THR C 217 11.46 -1.88 -26.09
C THR C 217 11.61 -3.25 -26.77
N GLY C 218 10.76 -4.19 -26.43
CA GLY C 218 10.84 -5.51 -27.04
C GLY C 218 12.14 -6.28 -26.89
N LYS C 219 12.94 -5.98 -25.88
CA LYS C 219 14.19 -6.70 -25.66
C LYS C 219 13.89 -8.08 -25.08
N ARG C 220 14.89 -8.95 -25.07
CA ARG C 220 14.73 -10.28 -24.52
C ARG C 220 14.81 -10.19 -22.99
N SER C 221 13.67 -10.45 -22.32
CA SER C 221 13.59 -10.37 -20.87
C SER C 221 14.53 -11.29 -20.10
N THR C 222 15.16 -10.72 -19.07
CA THR C 222 16.05 -11.46 -18.16
C THR C 222 15.38 -11.55 -16.81
N SER C 223 14.05 -11.60 -16.81
CA SER C 223 13.29 -11.67 -15.55
C SER C 223 13.36 -12.95 -14.75
N ALA C 224 13.06 -12.82 -13.47
CA ALA C 224 13.06 -13.93 -12.54
C ALA C 224 12.28 -15.10 -13.14
N ALA C 225 11.10 -14.78 -13.70
CA ALA C 225 10.23 -15.76 -14.32
C ALA C 225 10.96 -16.41 -15.48
N VAL C 226 11.64 -15.60 -16.28
CA VAL C 226 12.39 -16.14 -17.42
C VAL C 226 13.52 -17.02 -16.90
N LEU C 227 14.20 -16.53 -15.88
CA LEU C 227 15.31 -17.25 -15.30
C LEU C 227 14.89 -18.58 -14.67
N GLU C 228 13.73 -18.61 -14.03
CA GLU C 228 13.26 -19.85 -13.40
C GLU C 228 13.03 -20.89 -14.49
N ALA C 229 12.49 -20.45 -15.61
CA ALA C 229 12.24 -21.37 -16.71
C ALA C 229 13.55 -21.88 -17.32
N LEU C 230 14.64 -21.18 -17.02
CA LEU C 230 15.96 -21.50 -17.53
C LEU C 230 16.93 -22.04 -16.50
N ARG C 231 16.45 -22.28 -15.28
CA ARG C 231 17.33 -22.75 -14.21
C ARG C 231 18.17 -23.98 -14.55
N GLU C 232 17.58 -24.93 -15.25
CA GLU C 232 18.27 -26.16 -15.62
C GLU C 232 19.05 -26.12 -16.93
N ALA C 233 18.91 -25.03 -17.68
CA ALA C 233 19.60 -24.94 -18.95
C ALA C 233 21.09 -24.67 -18.82
N HIS C 234 21.48 -24.05 -17.70
CA HIS C 234 22.87 -23.71 -17.49
C HIS C 234 23.09 -23.39 -16.01
N PRO C 235 24.26 -23.77 -15.46
CA PRO C 235 24.56 -23.51 -14.04
C PRO C 235 24.65 -22.03 -13.69
N ILE C 236 24.73 -21.16 -14.68
CA ILE C 236 24.84 -19.74 -14.38
C ILE C 236 23.53 -19.13 -13.90
N VAL C 237 22.41 -19.66 -14.39
CA VAL C 237 21.07 -19.18 -14.05
C VAL C 237 20.75 -19.10 -12.57
N GLU C 238 20.88 -20.21 -11.87
CA GLU C 238 20.58 -20.22 -10.44
C GLU C 238 21.38 -19.12 -9.77
N LYS C 239 22.69 -19.14 -9.98
CA LYS C 239 23.57 -18.13 -9.40
C LYS C 239 23.05 -16.70 -9.58
N ILE C 240 22.60 -16.38 -10.80
CA ILE C 240 22.08 -15.04 -11.09
C ILE C 240 20.82 -14.76 -10.26
N LEU C 241 19.97 -15.78 -10.11
CA LEU C 241 18.74 -15.64 -9.34
C LEU C 241 19.03 -15.25 -7.88
N GLN C 242 20.08 -15.84 -7.32
CA GLN C 242 20.47 -15.56 -5.96
C GLN C 242 21.13 -14.20 -5.85
N TYR C 243 21.91 -13.82 -6.87
CA TYR C 243 22.56 -12.51 -6.91
C TYR C 243 21.46 -11.46 -6.90
N ARG C 244 20.42 -11.74 -7.68
CA ARG C 244 19.25 -10.86 -7.82
C ARG C 244 18.55 -10.62 -6.49
N GLU C 245 18.29 -11.69 -5.75
CA GLU C 245 17.65 -11.56 -4.46
C GLU C 245 18.46 -10.70 -3.47
N LEU C 246 19.70 -11.08 -3.21
CA LEU C 246 20.55 -10.35 -2.26
C LEU C 246 20.77 -8.89 -2.56
N THR C 247 21.08 -8.57 -3.80
CA THR C 247 21.31 -7.20 -4.21
C THR C 247 20.01 -6.39 -4.11
N LYS C 248 18.90 -7.00 -4.48
CA LYS C 248 17.63 -6.30 -4.37
C LYS C 248 17.47 -5.93 -2.88
N LEU C 249 17.63 -6.93 -2.02
CA LEU C 249 17.48 -6.74 -0.60
C LEU C 249 18.44 -5.72 0.02
N LYS C 250 19.72 -5.86 -0.26
CA LYS C 250 20.71 -4.94 0.28
C LYS C 250 20.58 -3.51 -0.25
N SER C 251 20.35 -3.38 -1.55
CA SER C 251 20.25 -2.05 -2.16
C SER C 251 18.95 -1.34 -1.80
N THR C 252 17.90 -2.09 -1.59
CA THR C 252 16.62 -1.48 -1.29
C THR C 252 16.29 -1.35 0.19
N TYR C 253 16.85 -2.21 1.04
CA TYR C 253 16.51 -2.12 2.47
C TYR C 253 17.67 -2.10 3.41
N ILE C 254 18.51 -3.13 3.34
CA ILE C 254 19.62 -3.26 4.24
C ILE C 254 20.52 -2.04 4.34
N ASP C 255 20.76 -1.36 3.23
CA ASP C 255 21.64 -0.20 3.23
C ASP C 255 20.95 1.16 3.41
N PRO C 256 19.87 1.42 2.65
CA PRO C 256 19.18 2.69 2.76
C PRO C 256 18.51 2.99 4.11
N LEU C 257 17.95 1.97 4.76
CA LEU C 257 17.25 2.17 6.02
C LEU C 257 18.02 2.80 7.19
N PRO C 258 19.18 2.24 7.54
CA PRO C 258 19.93 2.80 8.66
C PRO C 258 20.23 4.29 8.47
N ASP C 259 20.28 4.76 7.22
CA ASP C 259 20.57 6.17 7.00
C ASP C 259 19.33 7.07 7.04
N LEU C 260 18.18 6.45 7.28
CA LEU C 260 16.95 7.19 7.32
C LEU C 260 16.42 7.47 8.72
N ILE C 261 17.16 7.06 9.75
CA ILE C 261 16.72 7.28 11.11
C ILE C 261 16.72 8.78 11.38
N HIS C 262 15.67 9.26 12.04
CA HIS C 262 15.58 10.68 12.32
C HIS C 262 16.44 10.96 13.53
N PRO C 263 17.17 12.09 13.52
CA PRO C 263 18.03 12.46 14.65
C PRO C 263 17.28 12.62 15.98
N ARG C 264 16.22 13.40 15.96
CA ARG C 264 15.40 13.70 17.12
C ARG C 264 14.51 12.56 17.62
N THR C 265 14.31 11.52 16.81
CA THR C 265 13.42 10.44 17.24
C THR C 265 14.05 9.06 17.33
N GLY C 266 15.15 8.86 16.60
CA GLY C 266 15.83 7.58 16.59
C GLY C 266 14.98 6.54 15.90
N ARG C 267 13.95 6.99 15.21
CA ARG C 267 13.02 6.09 14.53
C ARG C 267 12.88 6.34 13.02
N LEU C 268 12.21 5.42 12.34
CA LEU C 268 11.97 5.53 10.89
C LEU C 268 10.62 6.16 10.62
N HIS C 269 10.59 7.23 9.84
CA HIS C 269 9.32 7.87 9.56
C HIS C 269 8.82 7.84 8.13
N THR C 270 8.01 6.84 7.86
CA THR C 270 7.40 6.66 6.58
C THR C 270 6.27 7.65 6.42
N ARG C 271 5.81 7.83 5.19
CA ARG C 271 4.70 8.73 4.93
C ARG C 271 3.58 7.83 4.46
N PHE C 272 2.35 8.22 4.75
CA PHE C 272 1.20 7.44 4.32
C PHE C 272 0.35 8.31 3.41
N ASN C 273 0.47 8.01 2.12
CA ASN C 273 -0.20 8.74 1.07
C ASN C 273 -1.67 8.34 0.98
N GLN C 274 -2.54 9.32 1.21
CA GLN C 274 -3.96 9.10 1.21
C GLN C 274 -4.65 9.18 -0.16
N THR C 275 -4.09 9.92 -1.10
CA THR C 275 -4.72 10.01 -2.43
C THR C 275 -3.74 9.59 -3.54
N ALA C 276 -3.28 8.35 -3.46
CA ALA C 276 -2.32 7.83 -4.44
C ALA C 276 -2.72 6.48 -5.05
N THR C 277 -3.97 6.07 -4.87
CA THR C 277 -4.42 4.78 -5.36
C THR C 277 -5.75 4.82 -6.11
N ALA C 278 -5.85 4.03 -7.17
CA ALA C 278 -7.09 3.96 -7.97
C ALA C 278 -8.24 3.17 -7.28
N THR C 279 -7.87 2.22 -6.41
CA THR C 279 -8.87 1.38 -5.75
C THR C 279 -9.24 1.88 -4.37
N GLY C 280 -8.52 2.87 -3.87
CA GLY C 280 -8.82 3.37 -2.55
C GLY C 280 -7.85 2.96 -1.46
N ARG C 281 -6.86 2.12 -1.78
CA ARG C 281 -5.86 1.73 -0.77
C ARG C 281 -4.94 2.90 -0.53
N LEU C 282 -4.03 2.75 0.42
CA LEU C 282 -3.06 3.79 0.71
C LEU C 282 -1.75 3.31 0.10
N SER C 283 -0.76 4.21 0.07
CA SER C 283 0.55 3.83 -0.40
C SER C 283 1.50 4.38 0.65
N SER C 284 2.62 3.72 0.82
CA SER C 284 3.61 4.17 1.79
C SER C 284 4.79 4.70 0.98
N SER C 285 5.24 5.90 1.32
CA SER C 285 6.31 6.50 0.54
C SER C 285 7.52 7.06 1.24
N ASP C 286 8.51 7.32 0.38
CA ASP C 286 9.81 7.78 0.80
C ASP C 286 10.02 6.54 1.57
N PRO C 287 10.46 6.57 2.82
CA PRO C 287 10.56 5.15 3.20
C PRO C 287 9.22 4.42 2.99
N ASN C 288 9.19 3.45 2.07
CA ASN C 288 7.99 2.68 1.84
C ASN C 288 8.10 1.50 2.78
N LEU C 289 7.29 1.51 3.84
CA LEU C 289 7.36 0.45 4.81
C LEU C 289 6.25 -0.55 4.63
N GLN C 290 5.56 -0.44 3.50
CA GLN C 290 4.50 -1.37 3.16
C GLN C 290 5.07 -2.46 2.27
N ASN C 291 6.39 -2.45 2.03
CA ASN C 291 6.97 -3.51 1.21
C ASN C 291 8.28 -4.03 1.78
N ILE C 292 8.30 -4.22 3.09
CA ILE C 292 9.46 -4.73 3.76
C ILE C 292 9.43 -6.24 3.52
N PRO C 293 10.59 -6.85 3.27
CA PRO C 293 10.72 -8.28 3.01
C PRO C 293 10.17 -9.21 4.10
N VAL C 294 9.81 -10.42 3.71
CA VAL C 294 9.31 -11.39 4.67
C VAL C 294 9.15 -12.79 4.05
N ARG C 295 9.13 -12.85 2.71
CA ARG C 295 8.93 -14.11 2.01
C ARG C 295 10.15 -15.05 1.86
N THR C 296 11.36 -14.52 2.02
CA THR C 296 12.57 -15.35 1.91
C THR C 296 13.36 -15.28 3.21
N PRO C 297 14.27 -16.25 3.43
CA PRO C 297 15.10 -16.30 4.62
C PRO C 297 15.82 -15.00 4.86
N LEU C 298 16.40 -14.41 3.83
CA LEU C 298 17.11 -13.16 4.03
C LEU C 298 16.09 -12.06 4.32
N GLY C 299 14.95 -12.16 3.66
CA GLY C 299 13.90 -11.17 3.84
C GLY C 299 13.47 -11.11 5.30
N GLN C 300 13.34 -12.28 5.92
CA GLN C 300 12.95 -12.37 7.33
C GLN C 300 14.00 -11.78 8.27
N ARG C 301 15.27 -12.01 7.96
CA ARG C 301 16.35 -11.48 8.78
C ARG C 301 16.21 -9.97 8.82
N ILE C 302 15.73 -9.39 7.72
CA ILE C 302 15.53 -7.95 7.60
C ILE C 302 14.31 -7.47 8.38
N ARG C 303 13.19 -8.16 8.24
CA ARG C 303 12.00 -7.74 8.97
C ARG C 303 12.30 -7.74 10.46
N ARG C 304 13.20 -8.63 10.88
CA ARG C 304 13.60 -8.72 12.27
C ARG C 304 14.15 -7.43 12.84
N ALA C 305 14.56 -6.51 11.96
CA ALA C 305 15.11 -5.23 12.39
C ALA C 305 14.08 -4.25 12.95
N PHE C 306 12.80 -4.48 12.62
CA PHE C 306 11.73 -3.63 13.13
C PHE C 306 11.40 -4.12 14.52
N ILE C 307 11.64 -3.24 15.49
CA ILE C 307 11.46 -3.57 16.90
C ILE C 307 10.70 -2.52 17.71
N ALA C 308 10.17 -2.95 18.86
CA ALA C 308 9.44 -2.04 19.74
C ALA C 308 10.41 -1.33 20.67
N GLU C 309 9.96 -0.20 21.22
CA GLU C 309 10.78 0.57 22.14
C GLU C 309 11.01 -0.32 23.35
N GLU C 310 12.11 -0.08 24.08
CA GLU C 310 12.40 -0.86 25.29
C GLU C 310 11.17 -0.74 26.20
N GLY C 311 10.72 -1.85 26.74
CA GLY C 311 9.57 -1.81 27.62
C GLY C 311 8.25 -1.95 26.90
N TRP C 312 8.30 -2.10 25.58
CA TRP C 312 7.08 -2.26 24.79
C TRP C 312 7.07 -3.54 23.98
N LEU C 313 6.03 -3.70 23.18
CA LEU C 313 5.89 -4.85 22.31
C LEU C 313 5.11 -4.42 21.08
N LEU C 314 5.42 -5.04 19.95
CA LEU C 314 4.74 -4.74 18.71
C LEU C 314 3.58 -5.70 18.62
N VAL C 315 2.47 -5.23 18.07
CA VAL C 315 1.33 -6.11 17.91
C VAL C 315 0.86 -6.00 16.47
N ALA C 316 0.88 -7.14 15.80
CA ALA C 316 0.46 -7.17 14.41
C ALA C 316 -0.84 -7.92 14.22
N LEU C 317 -1.79 -7.24 13.58
CA LEU C 317 -3.09 -7.83 13.27
C LEU C 317 -3.27 -7.76 11.73
N ASP C 318 -3.80 -8.85 11.19
CA ASP C 318 -3.97 -9.03 9.75
C ASP C 318 -5.28 -9.80 9.46
N TYR C 319 -6.18 -9.24 8.64
CA TYR C 319 -7.43 -9.91 8.32
C TYR C 319 -7.17 -11.22 7.59
N SER C 320 -7.75 -12.30 8.07
CA SER C 320 -7.58 -13.60 7.42
C SER C 320 -8.30 -13.56 6.08
N GLN C 321 -7.66 -14.10 5.06
CA GLN C 321 -8.20 -14.18 3.70
C GLN C 321 -9.14 -13.05 3.38
N ILE C 322 -8.69 -11.82 3.62
CA ILE C 322 -9.55 -10.66 3.43
C ILE C 322 -10.34 -10.55 2.13
N GLU C 323 -9.67 -10.54 0.99
CA GLU C 323 -10.41 -10.40 -0.25
C GLU C 323 -11.37 -11.54 -0.62
N LEU C 324 -11.09 -12.77 -0.20
CA LEU C 324 -12.03 -13.84 -0.48
C LEU C 324 -13.31 -13.63 0.36
N ARG C 325 -13.15 -13.10 1.57
CA ARG C 325 -14.29 -12.82 2.42
C ARG C 325 -15.12 -11.69 1.80
N VAL C 326 -14.44 -10.62 1.37
CA VAL C 326 -15.10 -9.46 0.76
C VAL C 326 -15.89 -9.86 -0.48
N LEU C 327 -15.30 -10.77 -1.26
CA LEU C 327 -15.93 -11.28 -2.47
C LEU C 327 -17.19 -12.10 -2.19
N ALA C 328 -17.16 -12.89 -1.11
CA ALA C 328 -18.30 -13.73 -0.75
C ALA C 328 -19.50 -12.87 -0.41
N HIS C 329 -19.21 -11.68 0.12
CA HIS C 329 -20.23 -10.72 0.50
C HIS C 329 -20.71 -9.91 -0.67
N LEU C 330 -19.82 -9.60 -1.62
CA LEU C 330 -20.21 -8.82 -2.80
C LEU C 330 -21.02 -9.65 -3.79
N SER C 331 -20.56 -10.86 -4.03
CA SER C 331 -21.22 -11.75 -4.97
C SER C 331 -22.43 -12.38 -4.32
N GLY C 332 -22.33 -12.61 -3.01
CA GLY C 332 -23.43 -13.23 -2.30
C GLY C 332 -23.45 -14.74 -2.50
N ASP C 333 -22.48 -15.28 -3.24
CA ASP C 333 -22.38 -16.72 -3.53
C ASP C 333 -22.41 -17.58 -2.27
N GLU C 334 -23.45 -18.40 -2.14
CA GLU C 334 -23.60 -19.25 -0.94
C GLU C 334 -22.56 -20.34 -0.70
N ASN C 335 -22.01 -20.92 -1.76
CA ASN C 335 -21.01 -21.97 -1.56
C ASN C 335 -19.76 -21.34 -0.93
N LEU C 336 -19.52 -20.07 -1.27
CA LEU C 336 -18.38 -19.34 -0.76
C LEU C 336 -18.66 -18.79 0.65
N ILE C 337 -19.86 -18.25 0.88
CA ILE C 337 -20.18 -17.74 2.21
C ILE C 337 -20.05 -18.89 3.22
N ARG C 338 -20.43 -20.09 2.79
CA ARG C 338 -20.37 -21.27 3.64
C ARG C 338 -18.94 -21.65 4.00
N VAL C 339 -18.03 -21.48 3.05
CA VAL C 339 -16.61 -21.77 3.24
C VAL C 339 -16.11 -21.13 4.54
N PHE C 340 -16.49 -19.88 4.74
CA PHE C 340 -16.09 -19.14 5.91
C PHE C 340 -17.01 -19.46 7.07
N GLN C 341 -18.30 -19.58 6.79
CA GLN C 341 -19.22 -19.95 7.85
C GLN C 341 -18.76 -21.25 8.47
N GLU C 342 -18.05 -22.07 7.69
CA GLU C 342 -17.57 -23.36 8.17
C GLU C 342 -16.10 -23.36 8.62
N GLY C 343 -15.52 -22.16 8.78
CA GLY C 343 -14.14 -22.06 9.22
C GLY C 343 -13.02 -22.55 8.30
N ARG C 344 -13.29 -22.68 7.00
CA ARG C 344 -12.27 -23.15 6.06
C ARG C 344 -11.30 -22.07 5.59
N ASP C 345 -10.12 -22.50 5.14
CA ASP C 345 -9.09 -21.60 4.64
C ASP C 345 -8.68 -22.07 3.24
N ILE C 346 -9.05 -21.28 2.24
CA ILE C 346 -8.79 -21.57 0.82
C ILE C 346 -7.31 -21.57 0.41
N HIS C 347 -6.52 -20.69 1.00
CA HIS C 347 -5.10 -20.66 0.70
C HIS C 347 -4.49 -21.95 1.18
N THR C 348 -4.95 -22.43 2.33
CA THR C 348 -4.43 -23.66 2.91
C THR C 348 -4.82 -24.85 2.04
N GLU C 349 -6.08 -24.88 1.64
CA GLU C 349 -6.61 -25.96 0.83
C GLU C 349 -5.99 -26.00 -0.57
N THR C 350 -5.62 -24.83 -1.08
CA THR C 350 -4.99 -24.78 -2.39
C THR C 350 -3.55 -25.27 -2.26
N ALA C 351 -2.78 -24.63 -1.38
CA ALA C 351 -1.40 -25.02 -1.16
C ALA C 351 -1.27 -26.51 -0.80
N SER C 352 -2.28 -27.05 -0.13
CA SER C 352 -2.26 -28.47 0.22
C SER C 352 -2.32 -29.31 -1.04
N TRP C 353 -3.11 -28.82 -1.98
CA TRP C 353 -3.30 -29.46 -3.27
C TRP C 353 -2.01 -29.34 -4.07
N MET C 354 -1.61 -28.10 -4.34
CA MET C 354 -0.40 -27.80 -5.09
C MET C 354 0.78 -28.68 -4.69
N PHE C 355 1.15 -28.66 -3.42
CA PHE C 355 2.31 -29.41 -2.93
C PHE C 355 2.09 -30.84 -2.44
N GLY C 356 0.97 -31.46 -2.80
CA GLY C 356 0.69 -32.82 -2.40
C GLY C 356 0.97 -33.21 -0.95
N VAL C 357 0.67 -32.31 -0.01
CA VAL C 357 0.86 -32.58 1.41
C VAL C 357 -0.39 -32.15 2.16
N PRO C 358 -0.71 -32.82 3.27
CA PRO C 358 -1.90 -32.45 4.04
C PRO C 358 -1.83 -31.00 4.54
N ARG C 359 -2.98 -30.39 4.77
CA ARG C 359 -3.01 -29.02 5.24
C ARG C 359 -1.94 -28.85 6.32
N GLU C 360 -2.02 -29.67 7.35
CA GLU C 360 -1.11 -29.69 8.50
C GLU C 360 0.37 -29.40 8.21
N ALA C 361 0.84 -29.74 7.00
CA ALA C 361 2.24 -29.53 6.64
C ALA C 361 2.53 -28.29 5.80
N VAL C 362 1.48 -27.58 5.42
CA VAL C 362 1.63 -26.37 4.61
C VAL C 362 2.31 -25.30 5.44
N ASP C 363 3.45 -24.80 4.96
CA ASP C 363 4.14 -23.75 5.68
C ASP C 363 3.79 -22.41 5.04
N PRO C 364 4.28 -21.29 5.60
CA PRO C 364 4.02 -19.94 5.09
C PRO C 364 4.46 -19.70 3.67
N LEU C 365 5.59 -20.27 3.30
CA LEU C 365 6.08 -20.06 1.96
C LEU C 365 5.25 -20.84 0.94
N MET C 366 4.59 -21.91 1.39
CA MET C 366 3.72 -22.71 0.51
C MET C 366 2.35 -22.01 0.34
N ARG C 367 1.91 -21.39 1.43
CA ARG C 367 0.64 -20.67 1.48
C ARG C 367 0.70 -19.43 0.59
N ARG C 368 1.81 -18.69 0.69
CA ARG C 368 2.01 -17.50 -0.12
C ARG C 368 1.87 -17.86 -1.61
N ALA C 369 2.37 -19.05 -1.96
CA ALA C 369 2.30 -19.53 -3.31
C ALA C 369 0.84 -19.75 -3.67
N ALA C 370 0.12 -20.37 -2.73
CA ALA C 370 -1.30 -20.64 -2.93
C ALA C 370 -2.05 -19.33 -3.17
N LYS C 371 -1.67 -18.28 -2.46
CA LYS C 371 -2.31 -16.97 -2.62
C LYS C 371 -2.19 -16.42 -4.03
N THR C 372 -0.99 -16.40 -4.60
CA THR C 372 -0.89 -15.87 -5.96
C THR C 372 -1.68 -16.78 -6.92
N ILE C 373 -1.86 -18.04 -6.53
CA ILE C 373 -2.66 -18.97 -7.34
C ILE C 373 -4.11 -18.57 -7.22
N ASN C 374 -4.61 -18.60 -5.99
CA ASN C 374 -5.99 -18.23 -5.74
C ASN C 374 -6.35 -16.84 -6.27
N PHE C 375 -5.56 -15.83 -5.87
CA PHE C 375 -5.84 -14.49 -6.34
C PHE C 375 -5.59 -14.33 -7.84
N GLY C 376 -4.63 -15.09 -8.37
CA GLY C 376 -4.34 -15.01 -9.79
C GLY C 376 -5.54 -15.46 -10.61
N VAL C 377 -5.97 -16.69 -10.39
CA VAL C 377 -7.10 -17.29 -11.10
C VAL C 377 -8.35 -16.43 -11.02
N LEU C 378 -8.69 -15.99 -9.82
CA LEU C 378 -9.87 -15.16 -9.62
C LEU C 378 -9.78 -13.88 -10.46
N TYR C 379 -8.64 -13.23 -10.42
CA TYR C 379 -8.48 -11.98 -11.15
C TYR C 379 -8.04 -12.17 -12.62
N GLY C 380 -8.37 -13.35 -13.15
CA GLY C 380 -8.12 -13.64 -14.55
C GLY C 380 -6.77 -13.97 -15.15
N MET C 381 -5.92 -14.76 -14.48
CA MET C 381 -4.67 -15.07 -15.13
C MET C 381 -4.94 -16.26 -16.05
N SER C 382 -4.31 -16.24 -17.22
CA SER C 382 -4.48 -17.30 -18.23
C SER C 382 -3.97 -18.67 -17.82
N ALA C 383 -4.58 -19.71 -18.40
CA ALA C 383 -4.18 -21.08 -18.13
C ALA C 383 -2.70 -21.24 -18.41
N HIS C 384 -2.24 -20.58 -19.47
CA HIS C 384 -0.84 -20.63 -19.84
C HIS C 384 0.10 -20.20 -18.72
N ARG C 385 -0.13 -19.01 -18.15
CA ARG C 385 0.71 -18.54 -17.06
C ARG C 385 0.51 -19.42 -15.82
N LEU C 386 -0.74 -19.85 -15.62
CA LEU C 386 -1.08 -20.68 -14.48
C LEU C 386 -0.37 -22.03 -14.59
N SER C 387 -0.36 -22.60 -15.79
CA SER C 387 0.27 -23.90 -15.96
C SER C 387 1.73 -23.74 -15.58
N GLN C 388 2.29 -22.60 -15.95
CA GLN C 388 3.67 -22.32 -15.66
C GLN C 388 3.81 -22.22 -14.13
N GLU C 389 2.96 -21.38 -13.54
CA GLU C 389 2.95 -21.15 -12.09
C GLU C 389 2.79 -22.45 -11.30
N LEU C 390 1.81 -23.28 -11.66
CA LEU C 390 1.61 -24.53 -10.94
C LEU C 390 2.52 -25.65 -11.44
N ALA C 391 3.33 -25.35 -12.44
CA ALA C 391 4.24 -26.34 -12.99
C ALA C 391 3.48 -27.59 -13.41
N ILE C 392 2.33 -27.40 -14.05
CA ILE C 392 1.57 -28.56 -14.49
C ILE C 392 1.14 -28.42 -15.95
N PRO C 393 0.62 -29.50 -16.54
CA PRO C 393 0.20 -29.42 -17.94
C PRO C 393 -0.72 -28.21 -18.15
N TYR C 394 -0.89 -27.83 -19.41
CA TYR C 394 -1.72 -26.69 -19.79
C TYR C 394 -3.20 -26.97 -19.53
N GLU C 395 -3.61 -28.21 -19.80
CA GLU C 395 -4.99 -28.63 -19.63
C GLU C 395 -5.33 -28.82 -18.15
N GLU C 396 -4.30 -29.06 -17.34
CA GLU C 396 -4.49 -29.23 -15.91
C GLU C 396 -4.75 -27.86 -15.29
N ALA C 397 -4.13 -26.82 -15.85
CA ALA C 397 -4.32 -25.47 -15.35
C ALA C 397 -5.68 -25.03 -15.87
N GLN C 398 -6.00 -25.49 -17.08
CA GLN C 398 -7.27 -25.13 -17.69
C GLN C 398 -8.38 -25.71 -16.81
N ALA C 399 -8.17 -26.92 -16.33
CA ALA C 399 -9.15 -27.59 -15.47
C ALA C 399 -9.28 -26.90 -14.10
N PHE C 400 -8.15 -26.50 -13.54
CA PHE C 400 -8.14 -25.84 -12.23
C PHE C 400 -9.05 -24.59 -12.27
N ILE C 401 -8.89 -23.80 -13.33
CA ILE C 401 -9.68 -22.58 -13.51
C ILE C 401 -11.14 -22.90 -13.74
N GLU C 402 -11.40 -24.03 -14.40
CA GLU C 402 -12.76 -24.43 -14.69
C GLU C 402 -13.50 -24.76 -13.41
N ARG C 403 -12.84 -25.48 -12.51
CA ARG C 403 -13.42 -25.89 -11.23
C ARG C 403 -13.60 -24.75 -10.24
N TYR C 404 -12.58 -23.90 -10.13
CA TYR C 404 -12.59 -22.75 -9.23
C TYR C 404 -13.94 -22.05 -9.34
N PHE C 405 -14.22 -21.48 -10.51
CA PHE C 405 -15.47 -20.79 -10.70
C PHE C 405 -16.71 -21.67 -10.61
N GLN C 406 -16.60 -22.92 -11.05
CA GLN C 406 -17.73 -23.84 -10.95
C GLN C 406 -18.03 -24.04 -9.47
N SER C 407 -16.97 -23.91 -8.66
CA SER C 407 -17.07 -24.07 -7.22
C SER C 407 -17.80 -22.91 -6.55
N PHE C 408 -17.70 -21.72 -7.16
CA PHE C 408 -18.33 -20.50 -6.66
C PHE C 408 -19.07 -19.80 -7.79
N PRO C 409 -20.18 -20.40 -8.27
CA PRO C 409 -21.06 -19.93 -9.35
C PRO C 409 -21.43 -18.45 -9.40
N LYS C 410 -21.70 -17.85 -8.24
CA LYS C 410 -22.07 -16.45 -8.17
C LYS C 410 -20.94 -15.44 -8.42
N VAL C 411 -19.70 -15.91 -8.30
CA VAL C 411 -18.53 -15.04 -8.53
C VAL C 411 -18.53 -14.51 -9.98
N ARG C 412 -18.62 -15.44 -10.95
CA ARG C 412 -18.64 -15.05 -12.36
C ARG C 412 -19.88 -14.21 -12.62
N ALA C 413 -20.99 -14.61 -12.01
CA ALA C 413 -22.24 -13.87 -12.16
C ALA C 413 -22.01 -12.43 -11.74
N TRP C 414 -21.45 -12.26 -10.54
CA TRP C 414 -21.12 -10.95 -9.98
C TRP C 414 -20.15 -10.14 -10.86
N ILE C 415 -19.14 -10.83 -11.40
CA ILE C 415 -18.15 -10.17 -12.26
C ILE C 415 -18.85 -9.52 -13.45
N GLU C 416 -19.53 -10.35 -14.25
CA GLU C 416 -20.27 -9.87 -15.41
C GLU C 416 -21.20 -8.69 -15.11
N LYS C 417 -21.89 -8.72 -13.97
CA LYS C 417 -22.81 -7.64 -13.64
C LYS C 417 -22.05 -6.37 -13.27
N THR C 418 -20.87 -6.53 -12.67
CA THR C 418 -20.08 -5.39 -12.27
C THR C 418 -19.56 -4.71 -13.52
N LEU C 419 -19.11 -5.54 -14.46
CA LEU C 419 -18.57 -5.06 -15.73
C LEU C 419 -19.60 -4.33 -16.58
N GLU C 420 -20.82 -4.87 -16.62
CA GLU C 420 -21.92 -4.28 -17.39
C GLU C 420 -22.30 -2.89 -16.89
N GLU C 421 -22.47 -2.73 -15.59
CA GLU C 421 -22.85 -1.43 -15.04
C GLU C 421 -21.65 -0.50 -15.18
N GLY C 422 -20.47 -1.10 -15.25
CA GLY C 422 -19.25 -0.31 -15.41
C GLY C 422 -19.31 0.40 -16.73
N ARG C 423 -19.70 -0.32 -17.78
CA ARG C 423 -19.80 0.28 -19.11
C ARG C 423 -20.84 1.38 -19.18
N ARG C 424 -22.04 1.04 -18.71
CA ARG C 424 -23.17 1.97 -18.74
C ARG C 424 -22.93 3.24 -17.94
N ARG C 425 -22.38 3.07 -16.75
CA ARG C 425 -22.14 4.16 -15.83
C ARG C 425 -20.76 4.83 -15.90
N GLY C 426 -19.78 4.14 -16.48
CA GLY C 426 -18.46 4.73 -16.60
C GLY C 426 -17.54 4.41 -15.43
N TYR C 427 -18.10 3.89 -14.34
CA TYR C 427 -17.29 3.56 -13.18
C TYR C 427 -17.83 2.36 -12.40
N VAL C 428 -16.98 1.82 -11.55
CA VAL C 428 -17.31 0.72 -10.67
C VAL C 428 -17.21 1.31 -9.25
N GLU C 429 -17.79 0.63 -8.28
CA GLU C 429 -17.74 1.14 -6.92
C GLU C 429 -17.53 0.06 -5.88
N THR C 430 -17.17 0.50 -4.68
CA THR C 430 -16.94 -0.41 -3.56
C THR C 430 -18.24 -0.54 -2.75
N LEU C 431 -18.20 -1.40 -1.73
CA LEU C 431 -19.34 -1.61 -0.86
C LEU C 431 -19.87 -0.28 -0.34
N PHE C 432 -18.95 0.60 0.06
CA PHE C 432 -19.31 1.93 0.58
C PHE C 432 -19.51 2.93 -0.55
N GLY C 433 -19.40 2.49 -1.78
CA GLY C 433 -19.59 3.42 -2.89
C GLY C 433 -18.36 4.22 -3.30
N ARG C 434 -17.17 3.70 -3.07
CA ARG C 434 -15.97 4.40 -3.50
C ARG C 434 -15.97 4.12 -4.99
N ARG C 435 -15.91 5.15 -5.82
CA ARG C 435 -15.92 4.87 -7.24
C ARG C 435 -14.59 5.04 -7.97
N ARG C 436 -14.44 4.28 -9.05
CA ARG C 436 -13.26 4.35 -9.92
C ARG C 436 -13.75 4.37 -11.36
N TYR C 437 -13.29 5.35 -12.13
CA TYR C 437 -13.67 5.47 -13.52
C TYR C 437 -12.84 4.60 -14.45
N VAL C 438 -13.52 3.79 -15.25
CA VAL C 438 -12.85 2.91 -16.19
C VAL C 438 -13.42 3.04 -17.61
N PRO C 439 -13.13 4.17 -18.28
CA PRO C 439 -13.61 4.44 -19.64
C PRO C 439 -13.20 3.34 -20.67
N ASP C 440 -12.01 2.75 -20.51
CA ASP C 440 -11.60 1.70 -21.44
C ASP C 440 -12.42 0.41 -21.37
N LEU C 441 -13.54 0.41 -20.65
CA LEU C 441 -14.39 -0.78 -20.61
C LEU C 441 -15.13 -0.86 -21.94
N GLU C 442 -15.07 0.24 -22.67
CA GLU C 442 -15.70 0.34 -23.97
C GLU C 442 -14.70 0.67 -25.07
N ALA C 443 -13.45 0.26 -24.86
CA ALA C 443 -12.42 0.45 -25.86
C ALA C 443 -12.82 -0.53 -26.95
N ARG C 444 -12.41 -0.27 -28.19
CA ARG C 444 -12.77 -1.14 -29.32
C ARG C 444 -11.61 -2.10 -29.65
N VAL C 445 -10.61 -2.15 -28.77
CA VAL C 445 -9.46 -3.02 -28.93
C VAL C 445 -9.52 -4.05 -27.81
N LYS C 446 -9.97 -5.25 -28.15
CA LYS C 446 -10.13 -6.34 -27.20
C LYS C 446 -9.02 -6.39 -26.15
N SER C 447 -7.79 -6.22 -26.61
CA SER C 447 -6.62 -6.23 -25.75
C SER C 447 -6.78 -5.18 -24.64
N VAL C 448 -6.99 -3.93 -25.04
CA VAL C 448 -7.18 -2.83 -24.09
C VAL C 448 -8.45 -3.03 -23.23
N ARG C 449 -9.56 -3.35 -23.86
CA ARG C 449 -10.81 -3.54 -23.15
C ARG C 449 -10.72 -4.60 -22.05
N GLU C 450 -10.30 -5.82 -22.37
CA GLU C 450 -10.21 -6.88 -21.37
C GLU C 450 -9.22 -6.58 -20.25
N ALA C 451 -8.32 -5.63 -20.48
CA ALA C 451 -7.36 -5.28 -19.46
C ALA C 451 -8.04 -4.28 -18.52
N ALA C 452 -8.90 -3.47 -19.10
CA ALA C 452 -9.62 -2.48 -18.31
C ALA C 452 -10.59 -3.27 -17.45
N GLU C 453 -11.24 -4.27 -18.04
CA GLU C 453 -12.18 -5.09 -17.30
C GLU C 453 -11.53 -5.69 -16.05
N ARG C 454 -10.32 -6.25 -16.19
CA ARG C 454 -9.66 -6.83 -15.03
C ARG C 454 -9.43 -5.78 -13.94
N MET C 455 -8.98 -4.58 -14.34
CA MET C 455 -8.76 -3.50 -13.39
C MET C 455 -10.10 -3.20 -12.73
N ALA C 456 -11.13 -3.14 -13.56
CA ALA C 456 -12.48 -2.84 -13.13
C ALA C 456 -13.10 -3.76 -12.08
N PHE C 457 -13.05 -5.07 -12.27
CA PHE C 457 -13.71 -5.89 -11.28
C PHE C 457 -12.88 -6.22 -10.06
N ASN C 458 -11.61 -5.83 -10.08
CA ASN C 458 -10.76 -6.04 -8.93
C ASN C 458 -10.99 -4.88 -7.96
N MET C 459 -11.29 -3.71 -8.51
CA MET C 459 -11.47 -2.52 -7.67
C MET C 459 -12.44 -2.68 -6.52
N PRO C 460 -13.67 -3.13 -6.77
CA PRO C 460 -14.67 -3.31 -5.71
C PRO C 460 -14.20 -4.23 -4.57
N VAL C 461 -13.47 -5.28 -4.93
CA VAL C 461 -12.99 -6.22 -3.94
C VAL C 461 -11.85 -5.59 -3.13
N GLN C 462 -10.78 -5.24 -3.82
CA GLN C 462 -9.63 -4.64 -3.18
C GLN C 462 -10.01 -3.30 -2.52
N GLY C 463 -10.92 -2.57 -3.16
CA GLY C 463 -11.35 -1.29 -2.64
C GLY C 463 -12.19 -1.40 -1.39
N THR C 464 -13.03 -2.42 -1.32
CA THR C 464 -13.88 -2.64 -0.15
C THR C 464 -13.03 -2.99 1.05
N ALA C 465 -12.03 -3.84 0.81
CA ALA C 465 -11.14 -4.26 1.88
C ALA C 465 -10.42 -3.02 2.40
N ALA C 466 -10.08 -2.12 1.50
CA ALA C 466 -9.39 -0.89 1.89
C ALA C 466 -10.28 0.02 2.74
N ASP C 467 -11.54 0.15 2.35
CA ASP C 467 -12.46 0.99 3.10
C ASP C 467 -12.57 0.42 4.52
N LEU C 468 -12.74 -0.90 4.58
CA LEU C 468 -12.82 -1.60 5.85
C LEU C 468 -11.62 -1.30 6.76
N MET C 469 -10.40 -1.45 6.24
CA MET C 469 -9.21 -1.21 7.04
C MET C 469 -9.14 0.26 7.48
N LYS C 470 -9.62 1.16 6.64
CA LYS C 470 -9.61 2.57 6.97
C LYS C 470 -10.60 2.93 8.06
N LEU C 471 -11.79 2.32 8.01
CA LEU C 471 -12.82 2.58 9.00
C LEU C 471 -12.35 1.98 10.33
N ALA C 472 -11.75 0.80 10.25
CA ALA C 472 -11.24 0.10 11.42
C ALA C 472 -10.20 0.97 12.13
N MET C 473 -9.39 1.65 11.34
CA MET C 473 -8.34 2.51 11.87
C MET C 473 -8.91 3.76 12.54
N VAL C 474 -10.01 4.26 11.99
CA VAL C 474 -10.63 5.46 12.53
C VAL C 474 -11.27 5.15 13.88
N LYS C 475 -11.83 3.94 14.00
CA LYS C 475 -12.47 3.48 15.21
C LYS C 475 -11.48 3.05 16.25
N LEU C 476 -10.44 2.33 15.81
CA LEU C 476 -9.45 1.82 16.75
C LEU C 476 -8.55 2.89 17.38
N PHE C 477 -8.08 3.85 16.57
CA PHE C 477 -7.17 4.89 17.03
C PHE C 477 -7.51 5.61 18.35
N PRO C 478 -8.73 6.17 18.50
CA PRO C 478 -9.02 6.84 19.77
C PRO C 478 -8.89 5.85 20.94
N ARG C 479 -9.39 4.64 20.74
CA ARG C 479 -9.31 3.63 21.78
C ARG C 479 -7.86 3.32 22.20
N LEU C 480 -6.93 3.38 21.26
CA LEU C 480 -5.52 3.12 21.53
C LEU C 480 -4.92 4.30 22.30
N GLU C 481 -5.32 5.51 21.94
CA GLU C 481 -4.85 6.73 22.60
C GLU C 481 -5.15 6.56 24.09
N GLU C 482 -6.39 6.20 24.39
CA GLU C 482 -6.84 6.01 25.76
C GLU C 482 -6.03 4.95 26.52
N MET C 483 -5.60 3.91 25.82
CA MET C 483 -4.83 2.86 26.47
C MET C 483 -3.34 3.10 26.47
N GLY C 484 -2.93 4.26 25.97
CA GLY C 484 -1.52 4.56 25.95
C GLY C 484 -0.73 3.74 24.96
N ALA C 485 -1.41 3.13 23.99
CA ALA C 485 -0.78 2.35 22.93
C ALA C 485 -0.79 3.20 21.65
N ARG C 486 0.19 3.00 20.79
CA ARG C 486 0.28 3.78 19.57
C ARG C 486 0.13 2.93 18.31
N MET C 487 -0.35 3.54 17.24
CA MET C 487 -0.55 2.85 15.96
C MET C 487 0.62 3.25 15.07
N LEU C 488 1.37 2.29 14.59
CA LEU C 488 2.55 2.59 13.78
C LEU C 488 2.42 2.43 12.27
N LEU C 489 2.04 1.25 11.81
CA LEU C 489 1.95 0.99 10.37
C LEU C 489 0.67 0.35 9.89
N GLN C 490 0.30 0.68 8.65
CA GLN C 490 -0.86 0.05 8.03
C GLN C 490 -0.24 -0.61 6.81
N VAL C 491 -0.52 -1.89 6.62
CA VAL C 491 0.03 -2.59 5.46
C VAL C 491 -1.11 -3.26 4.70
N HIS C 492 -2.00 -2.42 4.19
CA HIS C 492 -3.18 -2.79 3.43
C HIS C 492 -4.28 -3.50 4.18
N ASP C 493 -4.05 -4.67 4.76
CA ASP C 493 -5.11 -5.31 5.55
C ASP C 493 -4.46 -5.73 6.88
N GLU C 494 -3.36 -5.06 7.21
CA GLU C 494 -2.59 -5.31 8.41
C GLU C 494 -2.25 -4.02 9.17
N LEU C 495 -2.24 -4.11 10.50
CA LEU C 495 -1.87 -2.95 11.31
C LEU C 495 -0.77 -3.39 12.24
N VAL C 496 0.20 -2.52 12.43
CA VAL C 496 1.31 -2.79 13.34
C VAL C 496 1.22 -1.75 14.44
N LEU C 497 1.13 -2.23 15.67
CA LEU C 497 0.98 -1.38 16.83
C LEU C 497 2.13 -1.57 17.81
N GLU C 498 2.33 -0.58 18.66
CA GLU C 498 3.38 -0.65 19.67
C GLU C 498 2.65 -0.39 20.97
N ALA C 499 2.75 -1.33 21.91
CA ALA C 499 2.06 -1.20 23.18
C ALA C 499 2.94 -1.52 24.38
N PRO C 500 2.78 -0.77 25.47
CA PRO C 500 3.62 -1.06 26.66
C PRO C 500 3.42 -2.53 27.04
N LYS C 501 4.53 -3.22 27.30
CA LYS C 501 4.48 -4.64 27.65
C LYS C 501 3.39 -5.01 28.64
N GLU C 502 3.17 -4.18 29.65
CA GLU C 502 2.13 -4.48 30.62
C GLU C 502 0.78 -4.52 29.91
N ARG C 503 0.61 -3.67 28.90
CA ARG C 503 -0.66 -3.60 28.17
C ARG C 503 -0.73 -4.26 26.78
N ALA C 504 0.35 -4.91 26.34
CA ALA C 504 0.35 -5.55 25.02
C ALA C 504 -0.83 -6.49 24.85
N GLU C 505 -1.01 -7.38 25.82
CA GLU C 505 -2.10 -8.32 25.79
C GLU C 505 -3.48 -7.69 25.61
N ALA C 506 -3.78 -6.68 26.42
CA ALA C 506 -5.10 -6.04 26.34
C ALA C 506 -5.29 -5.34 25.01
N VAL C 507 -4.24 -4.66 24.54
CA VAL C 507 -4.28 -3.95 23.27
C VAL C 507 -4.58 -4.92 22.10
N ALA C 508 -3.93 -6.09 22.14
CA ALA C 508 -4.12 -7.11 21.12
C ALA C 508 -5.58 -7.52 21.03
N ARG C 509 -6.22 -7.77 22.18
CA ARG C 509 -7.64 -8.17 22.18
C ARG C 509 -8.57 -7.06 21.72
N LEU C 510 -8.30 -5.83 22.13
CA LEU C 510 -9.14 -4.70 21.73
C LEU C 510 -9.10 -4.50 20.21
N ALA C 511 -7.89 -4.41 19.68
CA ALA C 511 -7.69 -4.22 18.24
C ALA C 511 -8.38 -5.30 17.41
N LYS C 512 -8.14 -6.55 17.77
CA LYS C 512 -8.73 -7.68 17.06
C LYS C 512 -10.24 -7.50 16.94
N GLU C 513 -10.89 -7.22 18.06
CA GLU C 513 -12.33 -7.02 18.10
C GLU C 513 -12.81 -5.84 17.27
N VAL C 514 -12.17 -4.70 17.43
CA VAL C 514 -12.56 -3.54 16.67
C VAL C 514 -12.49 -3.84 15.17
N MET C 515 -11.43 -4.55 14.78
CA MET C 515 -11.20 -4.92 13.40
C MET C 515 -12.18 -5.93 12.85
N GLU C 516 -12.53 -6.94 13.65
CA GLU C 516 -13.46 -7.96 13.16
C GLU C 516 -14.90 -7.47 13.13
N GLY C 517 -15.23 -6.49 13.98
CA GLY C 517 -16.58 -5.97 14.04
C GLY C 517 -16.81 -4.69 13.26
N VAL C 518 -15.75 -4.15 12.66
CA VAL C 518 -15.78 -2.91 11.87
C VAL C 518 -17.05 -2.66 11.06
N TYR C 519 -17.51 -3.68 10.35
CA TYR C 519 -18.71 -3.56 9.53
C TYR C 519 -19.13 -4.99 9.21
N PRO C 520 -20.11 -5.52 9.95
CA PRO C 520 -20.59 -6.90 9.73
C PRO C 520 -20.97 -7.21 8.29
N LEU C 521 -20.50 -8.35 7.79
CA LEU C 521 -20.81 -8.73 6.42
C LEU C 521 -21.57 -10.04 6.36
N ALA C 522 -21.79 -10.55 5.15
CA ALA C 522 -22.51 -11.81 5.03
C ALA C 522 -21.60 -12.93 5.49
N VAL C 523 -20.38 -12.57 5.84
CA VAL C 523 -19.38 -13.51 6.32
C VAL C 523 -18.60 -12.78 7.41
N PRO C 524 -18.15 -13.50 8.44
CA PRO C 524 -17.38 -12.92 9.55
C PRO C 524 -15.96 -12.58 9.09
N LEU C 525 -15.37 -11.51 9.64
CA LEU C 525 -14.00 -11.14 9.28
C LEU C 525 -13.04 -11.49 10.40
N GLU C 526 -12.30 -12.57 10.26
CA GLU C 526 -11.35 -12.96 11.31
C GLU C 526 -10.03 -12.20 11.19
N VAL C 527 -9.38 -11.99 12.32
CA VAL C 527 -8.11 -11.29 12.35
C VAL C 527 -7.08 -12.11 13.10
N GLU C 528 -6.03 -12.53 12.39
CA GLU C 528 -4.97 -13.28 13.02
C GLU C 528 -4.13 -12.24 13.75
N VAL C 529 -3.82 -12.48 15.02
CA VAL C 529 -3.04 -11.52 15.81
C VAL C 529 -1.78 -12.12 16.39
N GLY C 530 -0.73 -11.31 16.47
CA GLY C 530 0.52 -11.77 17.05
C GLY C 530 1.20 -10.70 17.88
N ILE C 531 2.11 -11.11 18.76
CA ILE C 531 2.82 -10.16 19.62
C ILE C 531 4.27 -10.59 19.80
N GLY C 532 5.20 -9.64 19.65
CA GLY C 532 6.61 -9.94 19.81
C GLY C 532 7.51 -8.70 19.86
N GLU C 533 8.78 -8.90 20.19
CA GLU C 533 9.77 -7.81 20.25
C GLU C 533 10.08 -7.22 18.87
N ASP C 534 9.79 -7.97 17.81
CA ASP C 534 10.04 -7.48 16.47
C ASP C 534 8.86 -7.77 15.55
N TRP C 535 8.87 -7.17 14.36
CA TRP C 535 7.79 -7.35 13.41
C TRP C 535 7.68 -8.81 12.98
N LEU C 536 8.81 -9.48 12.77
CA LEU C 536 8.73 -10.87 12.35
C LEU C 536 8.00 -11.71 13.40
N SER C 537 8.49 -11.71 14.63
CA SER C 537 7.86 -12.49 15.70
C SER C 537 6.45 -12.01 15.96
N ALA C 538 6.19 -10.74 15.69
CA ALA C 538 4.86 -10.20 15.87
C ALA C 538 3.87 -11.07 15.12
N LYS C 539 4.11 -11.32 13.83
CA LYS C 539 3.19 -12.12 13.04
C LYS C 539 3.36 -13.59 13.44
MG MG D . -4.40 -10.89 5.41
MG MG E . -1.54 -8.48 5.39
PG DG3 F . -3.98 -13.82 4.85
O1G DG3 F . -2.51 -13.71 4.75
O2G DG3 F . -4.69 -13.17 5.99
O3G DG3 F . -4.34 -15.38 5.00
O3B DG3 F . -4.66 -13.40 3.45
PB DG3 F . -4.79 -12.04 2.59
O1B DG3 F . -5.44 -12.53 1.34
O2B DG3 F . -5.50 -11.05 3.43
O3A DG3 F . -3.28 -11.55 2.25
PA DG3 F . -2.40 -10.25 2.57
O1A DG3 F . -0.99 -10.59 2.31
O2A DG3 F . -2.79 -9.67 3.88
O5' DG3 F . -2.97 -9.33 1.39
C5' DG3 F . -4.10 -8.46 1.60
C4' DG3 F . -5.03 -8.55 0.41
O4' DG3 F . -4.34 -8.09 -0.78
C3' DG3 F . -5.54 -9.93 0.05
C2' DG3 F . -5.89 -9.78 -1.43
C1' DG3 F . -4.78 -8.84 -1.90
N9 DG3 F . -3.64 -9.54 -2.47
C8 DG3 F . -2.54 -10.02 -1.81
N7 DG3 F . -1.68 -10.63 -2.59
C5 DG3 F . -2.27 -10.55 -3.85
C6 DG3 F . -1.82 -11.03 -5.10
O6 DG3 F . -0.78 -11.65 -5.36
N1 DG3 F . -2.72 -10.74 -6.12
C2 DG3 F . -3.90 -10.06 -5.96
N2 DG3 F . -4.64 -9.86 -7.06
N3 DG3 F . -4.33 -9.60 -4.79
C4 DG3 F . -3.47 -9.89 -3.79
#